data_8JOT
#
_entry.id   8JOT
#
_cell.length_a   64.310
_cell.length_b   64.310
_cell.length_c   184.685
_cell.angle_alpha   90.00
_cell.angle_beta   90.00
_cell.angle_gamma   90.00
#
_symmetry.space_group_name_H-M   'P 43 21 2'
#
loop_
_entity.id
_entity.type
_entity.pdbx_description
1 polymer 'Macrophage colony-stimulating factor 1 receptor'
2 non-polymer Sulfatinib
3 non-polymer GLYCEROL
4 water water
#
_entity_poly.entity_id   1
_entity_poly.type   'polypeptide(L)'
_entity_poly.pdbx_seq_one_letter_code
;MKKGHHHHHHGQKPKYQVRWKIIESYEGNSYTFIDPTQLPYNEKWEFPRNNLQFGKTLGAGAFGKVVEATAFGLGKEDAV
LKVAVKMLKSTAHADEKEALMSELKIMSHLGQHENIVNLLGACTHGGPVLVITEYCTYGDLLNFLRRKAEAMLGPSLSPG
QDPEGGVDYKNIHLEKLDKEDGRPLELRDLLHFSSQVAQGMAFLASKNCIHRDVAARNVLLTNGHVAKIGDFGLARDIMN
DSNYIVKGNARLPVKWMAPESIFDSVYTVQSDVWSYGILLWEIFSLGLNPYPGILVNSKFYKLVKDGYQMAQPAFAPKNI
YSIMQACWALEPTHRPTFQQITSFLQEQAQEDRR
;
_entity_poly.pdbx_strand_id   A
#
# COMPACT_ATOMS: atom_id res chain seq x y z
N LYS A 13 -21.37 -5.19 -8.19
CA LYS A 13 -20.44 -6.02 -8.96
C LYS A 13 -19.16 -5.25 -9.25
N PRO A 14 -18.06 -5.66 -8.62
CA PRO A 14 -16.80 -4.92 -8.74
C PRO A 14 -15.88 -5.50 -9.80
N LYS A 15 -15.09 -4.64 -10.43
CA LYS A 15 -14.11 -5.08 -11.42
C LYS A 15 -12.71 -4.96 -10.84
N TYR A 16 -11.80 -5.75 -11.41
CA TYR A 16 -10.39 -5.71 -11.00
C TYR A 16 -9.67 -4.67 -11.85
N GLN A 17 -9.30 -3.57 -11.22
CA GLN A 17 -8.76 -2.41 -11.93
C GLN A 17 -7.39 -2.02 -11.39
N VAL A 18 -6.61 -1.38 -12.27
CA VAL A 18 -5.29 -0.90 -11.89
C VAL A 18 -5.42 0.20 -10.84
N ARG A 19 -4.73 0.03 -9.71
CA ARG A 19 -4.84 0.97 -8.60
C ARG A 19 -3.96 2.20 -8.82
N TRP A 20 -2.67 1.99 -9.05
CA TRP A 20 -1.71 3.09 -9.16
C TRP A 20 -1.86 3.80 -10.50
N LYS A 21 -1.61 5.11 -10.49
CA LYS A 21 -1.62 5.92 -11.69
C LYS A 21 -0.33 6.72 -11.79
N ILE A 22 0.13 6.95 -13.03
CA ILE A 22 1.33 7.73 -13.30
C ILE A 22 0.91 8.98 -14.07
N ILE A 23 1.34 10.14 -13.58
CA ILE A 23 1.02 11.41 -14.21
C ILE A 23 1.89 11.60 -15.45
N GLU A 24 1.27 12.07 -16.53
CA GLU A 24 1.99 12.40 -17.76
C GLU A 24 2.35 13.89 -17.82
N SER A 25 1.38 14.77 -17.53
CA SER A 25 1.63 16.20 -17.42
C SER A 25 0.73 16.83 -16.36
N TYR A 31 -4.36 17.27 -14.73
CA TYR A 31 -3.48 16.09 -14.79
C TYR A 31 -3.87 15.15 -15.93
N THR A 32 -2.93 14.89 -16.84
CA THR A 32 -3.06 13.81 -17.80
C THR A 32 -2.33 12.59 -17.25
N PHE A 33 -2.97 11.43 -17.32
CA PHE A 33 -2.41 10.18 -16.82
C PHE A 33 -1.92 9.30 -17.96
N ILE A 34 -0.87 8.53 -17.69
CA ILE A 34 -0.43 7.51 -18.63
C ILE A 34 -1.48 6.41 -18.74
N ASP A 35 -1.71 5.93 -19.97
CA ASP A 35 -2.46 4.71 -20.21
C ASP A 35 -1.50 3.53 -20.02
N PRO A 36 -1.59 2.77 -18.92
CA PRO A 36 -0.58 1.72 -18.68
C PRO A 36 -0.60 0.62 -19.72
N THR A 37 -1.73 0.38 -20.40
CA THR A 37 -1.73 -0.60 -21.48
C THR A 37 -0.77 -0.22 -22.59
N GLN A 38 -0.42 1.06 -22.71
CA GLN A 38 0.49 1.51 -23.75
C GLN A 38 1.94 1.53 -23.30
N LEU A 39 2.22 1.25 -22.02
CA LEU A 39 3.59 1.14 -21.55
C LEU A 39 4.22 -0.13 -22.12
N PRO A 40 5.55 -0.17 -22.21
CA PRO A 40 6.19 -1.40 -22.69
C PRO A 40 6.56 -2.36 -21.57
N TYR A 41 6.50 -3.64 -21.89
CA TYR A 41 6.98 -4.67 -20.97
C TYR A 41 8.40 -5.04 -21.37
N ASN A 42 9.33 -4.80 -20.47
CA ASN A 42 10.74 -5.05 -20.74
C ASN A 42 11.05 -6.51 -20.40
N GLU A 43 11.41 -7.29 -21.41
CA GLU A 43 11.62 -8.73 -21.26
C GLU A 43 12.83 -9.07 -20.41
N LYS A 44 13.58 -8.06 -19.94
CA LYS A 44 14.66 -8.35 -19.00
C LYS A 44 14.14 -8.96 -17.72
N TRP A 45 12.85 -8.81 -17.44
CA TRP A 45 12.24 -9.34 -16.24
C TRP A 45 11.82 -10.79 -16.36
N GLU A 46 11.80 -11.35 -17.57
CA GLU A 46 11.20 -12.66 -17.78
C GLU A 46 11.95 -13.75 -17.01
N PHE A 47 11.20 -14.64 -16.35
CA PHE A 47 11.70 -15.73 -15.53
C PHE A 47 10.95 -17.01 -15.87
N PRO A 48 11.62 -18.17 -15.90
CA PRO A 48 10.92 -19.41 -16.27
C PRO A 48 9.96 -19.84 -15.17
N ARG A 49 8.69 -20.05 -15.53
CA ARG A 49 7.73 -20.46 -14.51
C ARG A 49 8.07 -21.82 -13.92
N ASN A 50 8.82 -22.65 -14.64
CA ASN A 50 9.16 -23.95 -14.08
C ASN A 50 10.19 -23.84 -12.97
N ASN A 51 10.83 -22.69 -12.83
CA ASN A 51 11.79 -22.45 -11.77
C ASN A 51 11.14 -21.84 -10.52
N LEU A 52 9.82 -21.91 -10.40
CA LEU A 52 9.12 -21.57 -9.17
C LEU A 52 8.53 -22.82 -8.52
N GLN A 53 8.74 -22.98 -7.22
CA GLN A 53 8.07 -24.03 -6.45
C GLN A 53 7.17 -23.38 -5.40
N PHE A 54 5.87 -23.53 -5.57
CA PHE A 54 4.94 -22.75 -4.74
C PHE A 54 4.80 -23.35 -3.35
N GLY A 55 4.57 -22.46 -2.38
CA GLY A 55 4.26 -22.85 -1.03
C GLY A 55 2.86 -22.45 -0.64
N LYS A 56 2.69 -21.84 0.53
CA LYS A 56 1.38 -21.48 1.05
C LYS A 56 0.83 -20.25 0.33
N THR A 57 -0.50 -20.21 0.20
CA THR A 57 -1.15 -18.99 -0.27
C THR A 57 -1.12 -17.95 0.85
N LEU A 58 -0.64 -16.75 0.53
CA LEU A 58 -0.54 -15.71 1.54
C LEU A 58 -1.84 -14.93 1.68
N GLY A 59 -2.59 -14.78 0.59
CA GLY A 59 -3.89 -14.12 0.65
C GLY A 59 -4.59 -14.26 -0.69
N ALA A 60 -5.91 -14.13 -0.65
CA ALA A 60 -6.68 -14.31 -1.88
C ALA A 60 -7.92 -13.42 -1.84
N GLY A 61 -8.29 -12.89 -3.00
CA GLY A 61 -9.50 -12.09 -3.14
C GLY A 61 -10.40 -12.66 -4.21
N ALA A 62 -11.30 -11.82 -4.73
CA ALA A 62 -12.27 -12.29 -5.72
C ALA A 62 -11.65 -12.50 -7.10
N PHE A 63 -10.47 -11.94 -7.36
CA PHE A 63 -9.89 -11.99 -8.69
C PHE A 63 -8.60 -12.77 -8.78
N GLY A 64 -7.93 -13.04 -7.66
CA GLY A 64 -6.64 -13.71 -7.72
C GLY A 64 -6.10 -13.91 -6.33
N LYS A 65 -4.79 -14.10 -6.23
CA LYS A 65 -4.17 -14.45 -4.96
C LYS A 65 -2.67 -14.16 -5.05
N VAL A 66 -2.02 -14.17 -3.90
CA VAL A 66 -0.57 -14.06 -3.80
C VAL A 66 -0.09 -15.28 -3.02
N VAL A 67 0.85 -16.01 -3.62
CA VAL A 67 1.35 -17.28 -3.09
C VAL A 67 2.86 -17.15 -2.88
N GLU A 68 3.35 -17.63 -1.74
CA GLU A 68 4.80 -17.70 -1.57
C GLU A 68 5.38 -18.79 -2.46
N ALA A 69 6.66 -18.65 -2.81
CA ALA A 69 7.30 -19.63 -3.68
C ALA A 69 8.80 -19.57 -3.47
N THR A 70 9.47 -20.68 -3.78
CA THR A 70 10.92 -20.64 -3.91
C THR A 70 11.23 -20.42 -5.38
N ALA A 71 12.08 -19.43 -5.66
CA ALA A 71 12.58 -19.19 -7.01
C ALA A 71 14.02 -19.68 -7.10
N PHE A 72 14.32 -20.45 -8.17
CA PHE A 72 15.65 -21.06 -8.34
C PHE A 72 16.42 -20.31 -9.43
N GLY A 73 17.49 -19.63 -9.02
CA GLY A 73 18.32 -18.93 -9.98
C GLY A 73 17.79 -17.58 -10.39
N LEU A 74 17.34 -16.78 -9.44
CA LEU A 74 16.69 -15.50 -9.73
C LEU A 74 17.71 -14.37 -9.56
N GLY A 75 17.79 -13.51 -10.57
CA GLY A 75 18.65 -12.35 -10.47
C GLY A 75 20.08 -12.62 -10.90
N LYS A 76 20.90 -11.56 -10.78
CA LYS A 76 22.28 -11.63 -11.24
C LYS A 76 23.08 -12.66 -10.46
N GLU A 77 22.81 -12.80 -9.16
CA GLU A 77 23.54 -13.72 -8.30
C GLU A 77 23.03 -15.15 -8.38
N ASP A 78 22.06 -15.44 -9.23
CA ASP A 78 21.40 -16.74 -9.29
C ASP A 78 20.95 -17.18 -7.89
N ALA A 79 20.25 -16.28 -7.22
CA ALA A 79 19.80 -16.56 -5.87
C ALA A 79 18.74 -17.66 -5.90
N VAL A 80 18.67 -18.39 -4.79
CA VAL A 80 17.60 -19.34 -4.48
C VAL A 80 16.92 -18.76 -3.26
N LEU A 81 15.68 -18.31 -3.40
CA LEU A 81 15.12 -17.52 -2.30
C LEU A 81 13.60 -17.55 -2.34
N LYS A 82 12.99 -17.24 -1.20
CA LYS A 82 11.56 -17.11 -1.09
C LYS A 82 11.11 -15.80 -1.72
N VAL A 83 10.05 -15.87 -2.52
CA VAL A 83 9.48 -14.74 -3.22
C VAL A 83 7.97 -14.80 -3.01
N ALA A 84 7.29 -13.73 -3.43
CA ALA A 84 5.84 -13.72 -3.46
C ALA A 84 5.40 -13.64 -4.92
N VAL A 85 4.34 -14.36 -5.28
CA VAL A 85 3.90 -14.43 -6.67
C VAL A 85 2.44 -14.00 -6.76
N LYS A 86 2.17 -12.94 -7.53
CA LYS A 86 0.79 -12.51 -7.82
C LYS A 86 0.26 -13.19 -9.06
N MET A 87 -1.00 -13.63 -9.00
CA MET A 87 -1.61 -14.34 -10.11
C MET A 87 -3.11 -14.19 -10.05
N LEU A 88 -3.75 -14.29 -11.21
CA LEU A 88 -5.21 -14.28 -11.26
C LEU A 88 -5.78 -15.67 -11.12
N LYS A 89 -7.06 -15.74 -10.84
CA LYS A 89 -7.79 -16.99 -10.92
C LYS A 89 -7.76 -17.53 -12.34
N SER A 90 -7.87 -18.85 -12.47
CA SER A 90 -7.85 -19.47 -13.78
C SER A 90 -9.00 -19.00 -14.66
N THR A 91 -10.10 -18.52 -14.07
CA THR A 91 -11.27 -18.08 -14.83
C THR A 91 -11.23 -16.61 -15.20
N ALA A 92 -10.07 -15.96 -15.10
CA ALA A 92 -10.01 -14.51 -15.28
C ALA A 92 -10.41 -14.12 -16.71
N HIS A 93 -11.11 -13.00 -16.83
CA HIS A 93 -11.46 -12.42 -18.11
C HIS A 93 -10.25 -11.75 -18.73
N ALA A 94 -10.28 -11.60 -20.06
CA ALA A 94 -9.19 -10.93 -20.77
C ALA A 94 -8.93 -9.53 -20.21
N ASP A 95 -9.99 -8.84 -19.79
CA ASP A 95 -9.84 -7.51 -19.20
C ASP A 95 -9.02 -7.56 -17.92
N GLU A 96 -9.15 -8.63 -17.14
CA GLU A 96 -8.40 -8.70 -15.89
C GLU A 96 -6.94 -9.08 -16.14
N LYS A 97 -6.69 -10.02 -17.06
CA LYS A 97 -5.33 -10.30 -17.47
C LYS A 97 -4.62 -9.03 -17.96
N GLU A 98 -5.36 -8.17 -18.65
CA GLU A 98 -4.77 -6.92 -19.12
C GLU A 98 -4.41 -6.02 -17.95
N ALA A 99 -5.26 -5.97 -16.92
CA ALA A 99 -4.96 -5.14 -15.76
C ALA A 99 -3.73 -5.64 -15.01
N LEU A 100 -3.61 -6.96 -14.85
CA LEU A 100 -2.39 -7.52 -14.24
C LEU A 100 -1.14 -7.16 -15.05
N MET A 101 -1.23 -7.24 -16.38
CA MET A 101 -0.09 -6.83 -17.20
C MET A 101 0.22 -5.35 -17.03
N SER A 102 -0.83 -4.53 -16.90
CA SER A 102 -0.60 -3.10 -16.71
C SER A 102 0.08 -2.82 -15.39
N GLU A 103 -0.34 -3.51 -14.33
CA GLU A 103 0.33 -3.38 -13.05
C GLU A 103 1.79 -3.80 -13.15
N LEU A 104 2.06 -4.90 -13.87
CA LEU A 104 3.43 -5.32 -14.11
C LEU A 104 4.22 -4.23 -14.83
N LYS A 105 3.63 -3.62 -15.86
CA LYS A 105 4.35 -2.60 -16.60
C LYS A 105 4.63 -1.37 -15.75
N ILE A 106 3.69 -1.01 -14.86
CA ILE A 106 3.92 0.13 -13.97
C ILE A 106 5.09 -0.16 -13.05
N MET A 107 5.11 -1.35 -12.46
CA MET A 107 6.23 -1.68 -11.57
C MET A 107 7.56 -1.62 -12.30
N SER A 108 7.61 -2.12 -13.54
CA SER A 108 8.85 -2.02 -14.31
C SER A 108 9.20 -0.57 -14.63
N HIS A 109 8.19 0.27 -14.86
CA HIS A 109 8.43 1.67 -15.19
C HIS A 109 9.05 2.42 -14.02
N LEU A 110 8.61 2.11 -12.79
CA LEU A 110 8.93 2.95 -11.64
C LEU A 110 10.36 2.78 -11.17
N GLY A 111 10.95 1.60 -11.34
CA GLY A 111 12.25 1.32 -10.75
C GLY A 111 12.15 0.85 -9.31
N GLN A 112 13.31 0.58 -8.72
CA GLN A 112 13.37 -0.05 -7.41
C GLN A 112 13.71 0.95 -6.31
N HIS A 113 13.23 0.65 -5.10
CA HIS A 113 13.50 1.42 -3.90
C HIS A 113 13.43 0.53 -2.67
N GLU A 114 14.26 0.86 -1.68
CA GLU A 114 14.29 0.05 -0.46
C GLU A 114 12.94 -0.02 0.26
N ASN A 115 12.11 1.02 0.16
CA ASN A 115 10.89 1.08 0.94
C ASN A 115 9.63 0.87 0.10
N ILE A 116 9.77 0.18 -1.03
CA ILE A 116 8.63 -0.39 -1.73
C ILE A 116 8.83 -1.89 -1.87
N VAL A 117 7.74 -2.60 -2.10
CA VAL A 117 7.83 -4.04 -2.38
C VAL A 117 8.20 -4.17 -3.85
N ASN A 118 9.41 -4.65 -4.12
CA ASN A 118 10.00 -4.53 -5.45
C ASN A 118 9.64 -5.70 -6.35
N LEU A 119 9.54 -5.37 -7.64
CA LEU A 119 9.45 -6.38 -8.69
C LEU A 119 10.78 -7.11 -8.80
N LEU A 120 10.72 -8.45 -8.90
CA LEU A 120 11.89 -9.28 -9.13
C LEU A 120 11.88 -10.01 -10.46
N GLY A 121 10.71 -10.24 -11.05
CA GLY A 121 10.62 -10.97 -12.30
C GLY A 121 9.17 -11.20 -12.65
N ALA A 122 8.97 -11.81 -13.83
CA ALA A 122 7.62 -12.09 -14.27
C ALA A 122 7.64 -13.29 -15.21
N CYS A 123 6.51 -13.98 -15.26
CA CYS A 123 6.30 -15.07 -16.22
C CYS A 123 5.15 -14.66 -17.11
N THR A 124 5.44 -14.34 -18.37
CA THR A 124 4.42 -13.85 -19.27
C THR A 124 4.20 -14.77 -20.45
N HIS A 125 5.10 -15.72 -20.69
CA HIS A 125 4.97 -16.68 -21.78
C HIS A 125 4.65 -18.06 -21.22
N GLY A 126 3.98 -18.88 -22.03
CA GLY A 126 3.79 -20.27 -21.69
C GLY A 126 2.77 -20.55 -20.62
N GLY A 127 1.89 -19.61 -20.32
CA GLY A 127 0.88 -19.80 -19.30
C GLY A 127 0.37 -18.47 -18.81
N PRO A 128 -0.40 -18.49 -17.71
CA PRO A 128 -0.93 -17.25 -17.16
C PRO A 128 0.19 -16.36 -16.64
N VAL A 129 -0.10 -15.06 -16.60
CA VAL A 129 0.89 -14.08 -16.14
C VAL A 129 1.12 -14.23 -14.65
N LEU A 130 2.39 -14.36 -14.26
CA LEU A 130 2.80 -14.41 -12.86
C LEU A 130 3.71 -13.22 -12.59
N VAL A 131 3.45 -12.46 -11.52
CA VAL A 131 4.28 -11.32 -11.17
C VAL A 131 5.03 -11.69 -9.90
N ILE A 132 6.36 -11.69 -9.96
CA ILE A 132 7.21 -12.11 -8.85
C ILE A 132 7.74 -10.88 -8.13
N THR A 133 7.48 -10.77 -6.83
CA THR A 133 7.94 -9.66 -6.03
C THR A 133 8.72 -10.17 -4.82
N GLU A 134 9.38 -9.24 -4.13
CA GLU A 134 9.98 -9.54 -2.85
C GLU A 134 8.96 -10.15 -1.90
N TYR A 135 9.41 -11.12 -1.10
CA TYR A 135 8.64 -11.65 0.01
C TYR A 135 9.03 -10.94 1.30
N CYS A 136 8.04 -10.48 2.06
CA CYS A 136 8.26 -9.72 3.30
C CYS A 136 7.87 -10.60 4.48
N THR A 137 8.88 -10.93 5.30
CA THR A 137 8.72 -12.06 6.22
C THR A 137 7.71 -11.80 7.32
N TYR A 138 7.44 -10.54 7.69
CA TYR A 138 6.59 -10.28 8.84
C TYR A 138 5.16 -9.89 8.46
N GLY A 139 4.82 -9.88 7.17
CA GLY A 139 3.44 -9.61 6.79
C GLY A 139 3.07 -8.14 6.90
N ASP A 140 1.77 -7.85 6.93
CA ASP A 140 1.33 -6.46 6.86
C ASP A 140 1.47 -5.78 8.21
N LEU A 141 1.69 -4.46 8.13
CA LEU A 141 1.93 -3.62 9.29
C LEU A 141 0.71 -3.57 10.22
N LEU A 142 -0.49 -3.53 9.66
CA LEU A 142 -1.67 -3.43 10.51
C LEU A 142 -1.81 -4.63 11.42
N ASN A 143 -1.73 -5.84 10.86
CA ASN A 143 -1.82 -7.04 11.70
C ASN A 143 -0.65 -7.11 12.66
N PHE A 144 0.54 -6.70 12.20
CA PHE A 144 1.71 -6.70 13.09
C PHE A 144 1.49 -5.85 14.33
N LEU A 145 1.04 -4.60 14.14
CA LEU A 145 0.82 -3.71 15.28
C LEU A 145 -0.24 -4.27 16.23
N ARG A 146 -1.31 -4.82 15.67
CA ARG A 146 -2.39 -5.37 16.50
C ARG A 146 -1.91 -6.56 17.30
N ARG A 147 -1.15 -7.46 16.67
CA ARG A 147 -0.63 -8.62 17.38
C ARG A 147 0.40 -8.22 18.42
N LYS A 148 1.27 -7.25 18.10
CA LYS A 148 2.23 -6.76 19.09
C LYS A 148 1.53 -6.13 20.28
N ALA A 149 0.46 -5.36 20.03
CA ALA A 149 -0.28 -4.77 21.13
C ALA A 149 -0.78 -5.85 22.08
N GLU A 150 -1.34 -6.93 21.51
CA GLU A 150 -1.85 -8.02 22.33
C GLU A 150 -0.73 -8.71 23.09
N ALA A 151 0.42 -8.92 22.43
CA ALA A 151 1.58 -9.54 23.09
C ALA A 151 2.08 -8.70 24.26
N MET A 152 2.02 -7.37 24.11
CA MET A 152 2.50 -6.48 25.16
C MET A 152 1.56 -6.45 26.36
N LEU A 153 0.26 -6.62 26.14
CA LEU A 153 -0.69 -6.68 27.25
C LEU A 153 -0.69 -8.03 27.97
N GLY A 154 -0.25 -9.09 27.30
CA GLY A 154 -0.29 -10.44 27.83
C GLY A 154 0.22 -10.66 29.25
N PRO A 155 1.44 -10.21 29.55
CA PRO A 155 1.98 -10.35 30.92
C PRO A 155 1.03 -9.92 32.03
N SER A 156 0.14 -8.97 31.78
CA SER A 156 -0.79 -8.53 32.80
C SER A 156 -2.05 -9.40 32.82
N GLY A 182 9.50 -10.68 18.81
CA GLY A 182 9.49 -11.02 20.22
C GLY A 182 9.51 -9.83 21.18
N ARG A 183 10.42 -8.88 20.93
CA ARG A 183 10.59 -7.75 21.83
C ARG A 183 9.37 -6.82 21.79
N PRO A 184 9.13 -6.05 22.85
CA PRO A 184 8.03 -5.09 22.81
C PRO A 184 8.36 -3.93 21.90
N LEU A 185 7.31 -3.29 21.38
CA LEU A 185 7.51 -2.09 20.60
C LEU A 185 7.93 -0.94 21.50
N GLU A 186 8.71 -0.01 20.94
CA GLU A 186 8.91 1.28 21.59
C GLU A 186 8.63 2.38 20.57
N LEU A 187 8.54 3.61 21.08
CA LEU A 187 8.17 4.75 20.23
C LEU A 187 9.09 4.87 19.02
N ARG A 188 10.38 4.65 19.21
CA ARG A 188 11.29 4.79 18.07
C ARG A 188 10.95 3.81 16.94
N ASP A 189 10.43 2.63 17.28
CA ASP A 189 9.99 1.71 16.23
C ASP A 189 8.87 2.32 15.38
N LEU A 190 7.86 2.91 16.03
CA LEU A 190 6.76 3.54 15.31
C LEU A 190 7.26 4.68 14.42
N LEU A 191 8.21 5.48 14.93
CA LEU A 191 8.79 6.54 14.10
C LEU A 191 9.55 5.98 12.90
N HIS A 192 10.29 4.88 13.09
CA HIS A 192 10.99 4.24 11.98
C HIS A 192 10.02 3.77 10.91
N PHE A 193 8.98 3.02 11.32
CA PHE A 193 7.98 2.56 10.34
C PHE A 193 7.42 3.75 9.57
N SER A 194 7.05 4.79 10.30
CA SER A 194 6.48 5.97 9.68
C SER A 194 7.47 6.61 8.71
N SER A 195 8.73 6.74 9.14
CA SER A 195 9.74 7.36 8.27
C SER A 195 9.97 6.52 7.02
N GLN A 196 10.00 5.20 7.17
CA GLN A 196 10.27 4.31 6.04
C GLN A 196 9.14 4.37 5.01
N VAL A 197 7.89 4.38 5.48
CA VAL A 197 6.76 4.52 4.55
C VAL A 197 6.82 5.87 3.83
N ALA A 198 7.13 6.95 4.57
CA ALA A 198 7.25 8.25 3.93
C ALA A 198 8.34 8.26 2.86
N GLN A 199 9.44 7.57 3.08
CA GLN A 199 10.49 7.49 2.07
C GLN A 199 10.03 6.77 0.82
N GLY A 200 9.34 5.65 1.01
CA GLY A 200 8.82 4.95 -0.15
C GLY A 200 7.84 5.79 -0.93
N MET A 201 6.97 6.52 -0.23
CA MET A 201 6.02 7.40 -0.89
C MET A 201 6.73 8.56 -1.57
N ALA A 202 7.81 9.07 -0.95
CA ALA A 202 8.58 10.13 -1.62
C ALA A 202 9.20 9.61 -2.90
N PHE A 203 9.61 8.34 -2.92
CA PHE A 203 10.10 7.73 -4.15
C PHE A 203 9.00 7.68 -5.20
N LEU A 204 7.81 7.18 -4.84
CA LEU A 204 6.72 7.09 -5.79
C LEU A 204 6.35 8.46 -6.34
N ALA A 205 6.22 9.45 -5.45
CA ALA A 205 5.90 10.81 -5.86
C ALA A 205 6.96 11.37 -6.82
N SER A 206 8.23 11.02 -6.58
CA SER A 206 9.30 11.48 -7.45
C SER A 206 9.21 10.89 -8.86
N LYS A 207 8.49 9.78 -9.01
CA LYS A 207 8.24 9.18 -10.32
C LYS A 207 6.86 9.55 -10.85
N ASN A 208 6.22 10.56 -10.26
CA ASN A 208 4.89 11.01 -10.66
C ASN A 208 3.85 9.92 -10.51
N CYS A 209 4.00 9.07 -9.50
CA CYS A 209 3.11 7.94 -9.30
C CYS A 209 2.18 8.19 -8.11
N ILE A 210 0.89 7.97 -8.32
CA ILE A 210 -0.14 8.12 -7.29
C ILE A 210 -0.56 6.72 -6.85
N HIS A 211 -0.61 6.52 -5.53
CA HIS A 211 -0.88 5.20 -4.98
C HIS A 211 -2.38 4.92 -4.86
N ARG A 212 -3.13 5.84 -4.26
CA ARG A 212 -4.59 5.82 -4.13
C ARG A 212 -5.13 4.80 -3.12
N ASP A 213 -4.28 4.06 -2.41
CA ASP A 213 -4.78 3.23 -1.32
C ASP A 213 -3.72 3.13 -0.22
N VAL A 214 -3.16 4.28 0.18
CA VAL A 214 -2.22 4.30 1.30
C VAL A 214 -2.97 3.99 2.59
N ALA A 215 -2.50 2.97 3.31
CA ALA A 215 -3.11 2.47 4.54
C ALA A 215 -2.16 1.42 5.11
N ALA A 216 -2.29 1.16 6.42
CA ALA A 216 -1.39 0.23 7.07
C ALA A 216 -1.50 -1.17 6.50
N ARG A 217 -2.68 -1.55 6.01
CA ARG A 217 -2.88 -2.86 5.38
C ARG A 217 -2.09 -3.02 4.09
N ASN A 218 -1.58 -1.92 3.52
CA ASN A 218 -0.75 -1.98 2.32
C ASN A 218 0.71 -1.70 2.59
N VAL A 219 1.13 -1.79 3.84
CA VAL A 219 2.55 -1.70 4.20
C VAL A 219 2.96 -3.05 4.75
N LEU A 220 4.07 -3.59 4.25
CA LEU A 220 4.60 -4.85 4.76
C LEU A 220 5.90 -4.60 5.51
N LEU A 221 6.23 -5.53 6.40
CA LEU A 221 7.48 -5.50 7.16
C LEU A 221 8.36 -6.67 6.71
N THR A 222 9.61 -6.38 6.38
CA THR A 222 10.50 -7.44 5.93
C THR A 222 11.60 -7.64 6.98
N ASN A 223 12.67 -8.35 6.60
CA ASN A 223 13.76 -8.61 7.53
C ASN A 223 14.29 -7.30 8.11
N GLY A 224 14.62 -7.35 9.39
CA GLY A 224 14.96 -6.16 10.11
C GLY A 224 13.79 -5.28 10.40
N HIS A 225 12.57 -5.77 10.17
CA HIS A 225 11.34 -5.00 10.41
C HIS A 225 11.39 -3.66 9.67
N VAL A 226 11.89 -3.69 8.44
CA VAL A 226 11.88 -2.52 7.57
C VAL A 226 10.57 -2.48 6.80
N ALA A 227 9.94 -1.33 6.76
CA ALA A 227 8.62 -1.16 6.14
C ALA A 227 8.74 -0.90 4.65
N LYS A 228 7.82 -1.49 3.88
CA LYS A 228 7.74 -1.28 2.44
C LYS A 228 6.29 -1.08 2.03
N ILE A 229 6.02 -0.06 1.21
CA ILE A 229 4.67 0.19 0.71
C ILE A 229 4.45 -0.60 -0.58
N GLY A 230 3.24 -1.14 -0.73
CA GLY A 230 2.89 -1.80 -1.98
C GLY A 230 1.40 -1.72 -2.20
N ASP A 231 0.88 -2.53 -3.11
CA ASP A 231 -0.56 -2.57 -3.35
C ASP A 231 -0.95 -4.04 -3.37
N PHE A 232 -1.69 -4.49 -2.37
CA PHE A 232 -1.96 -5.91 -2.21
C PHE A 232 -3.44 -6.21 -2.28
N GLY A 233 -4.17 -5.38 -3.03
CA GLY A 233 -5.59 -5.61 -3.22
C GLY A 233 -5.88 -7.01 -3.73
N LEU A 234 -5.00 -7.54 -4.60
CA LEU A 234 -5.25 -8.87 -5.16
C LEU A 234 -5.27 -9.94 -4.09
N ALA A 235 -4.56 -9.73 -2.98
CA ALA A 235 -4.48 -10.69 -1.90
C ALA A 235 -5.48 -10.40 -0.80
N ARG A 236 -6.35 -9.42 -1.01
CA ARG A 236 -7.28 -8.96 0.00
C ARG A 236 -8.71 -9.26 -0.42
N ASP A 237 -9.52 -9.69 0.56
CA ASP A 237 -10.94 -9.98 0.39
C ASP A 237 -11.74 -8.67 0.46
N ILE A 238 -11.55 -7.81 -0.54
CA ILE A 238 -12.09 -6.46 -0.47
C ILE A 238 -13.63 -6.46 -0.49
N MET A 239 -14.24 -7.40 -1.21
CA MET A 239 -15.70 -7.42 -1.30
C MET A 239 -16.37 -7.71 0.05
N ASN A 240 -15.64 -8.25 1.01
CA ASN A 240 -16.19 -8.53 2.33
C ASN A 240 -15.44 -7.78 3.43
N ASP A 241 -14.78 -6.68 3.08
CA ASP A 241 -13.92 -5.91 3.97
C ASP A 241 -14.65 -4.64 4.37
N SER A 242 -14.94 -4.49 5.68
CA SER A 242 -15.70 -3.33 6.13
C SER A 242 -14.95 -2.01 5.97
N ASN A 243 -13.66 -2.05 5.64
CA ASN A 243 -12.89 -0.83 5.43
C ASN A 243 -13.10 -0.24 4.05
N TYR A 244 -13.78 -0.97 3.16
CA TYR A 244 -14.12 -0.47 1.84
C TYR A 244 -15.64 -0.33 1.77
N ILE A 245 -16.09 0.84 1.39
CA ILE A 245 -17.49 1.20 1.37
C ILE A 245 -17.99 1.18 -0.07
N VAL A 246 -19.19 0.65 -0.28
CA VAL A 246 -19.83 0.79 -1.58
C VAL A 246 -20.21 2.24 -1.80
N LYS A 247 -19.80 2.80 -2.95
CA LYS A 247 -20.08 4.21 -3.23
C LYS A 247 -19.93 4.42 -4.73
N GLY A 248 -21.02 4.76 -5.40
CA GLY A 248 -21.01 4.98 -6.83
C GLY A 248 -20.91 3.72 -7.68
N ALA A 250 -18.22 0.52 -7.26
CA ALA A 250 -16.93 0.90 -6.67
C ALA A 250 -16.93 0.67 -5.16
N ARG A 251 -15.88 0.03 -4.68
CA ARG A 251 -15.62 -0.13 -3.25
C ARG A 251 -14.41 0.70 -2.89
N LEU A 252 -14.63 1.72 -2.07
CA LEU A 252 -13.65 2.75 -1.83
C LEU A 252 -13.25 2.78 -0.36
N PRO A 253 -11.97 2.97 -0.06
CA PRO A 253 -11.50 3.11 1.33
C PRO A 253 -11.76 4.51 1.87
N VAL A 254 -13.05 4.81 2.09
CA VAL A 254 -13.50 6.18 2.29
C VAL A 254 -12.84 6.84 3.50
N LYS A 255 -12.65 6.09 4.59
CA LYS A 255 -12.07 6.69 5.80
C LYS A 255 -10.62 7.08 5.62
N TRP A 256 -9.96 6.63 4.56
CA TRP A 256 -8.60 7.03 4.24
C TRP A 256 -8.52 8.15 3.21
N MET A 257 -9.64 8.55 2.60
CA MET A 257 -9.61 9.37 1.39
C MET A 257 -9.73 10.86 1.69
N ALA A 258 -8.95 11.66 0.97
CA ALA A 258 -9.07 13.12 1.06
C ALA A 258 -10.43 13.58 0.57
N PRO A 259 -10.95 14.68 1.10
CA PRO A 259 -12.28 15.13 0.67
C PRO A 259 -12.38 15.38 -0.83
N GLU A 260 -11.32 15.88 -1.47
CA GLU A 260 -11.43 16.10 -2.91
C GLU A 260 -11.48 14.78 -3.69
N SER A 261 -10.96 13.69 -3.12
CA SER A 261 -11.15 12.38 -3.75
C SER A 261 -12.58 11.90 -3.58
N ILE A 262 -13.13 12.07 -2.37
CA ILE A 262 -14.50 11.64 -2.10
C ILE A 262 -15.48 12.39 -2.98
N PHE A 263 -15.37 13.71 -2.99
CA PHE A 263 -16.41 14.54 -3.60
C PHE A 263 -16.20 14.74 -5.09
N ASP A 264 -14.96 14.82 -5.56
CA ASP A 264 -14.67 15.15 -6.94
C ASP A 264 -13.87 14.07 -7.67
N SER A 265 -13.62 12.92 -7.04
CA SER A 265 -12.77 11.86 -7.59
C SER A 265 -11.45 12.41 -8.13
N VAL A 266 -10.88 13.37 -7.42
CA VAL A 266 -9.57 13.91 -7.75
C VAL A 266 -8.52 13.18 -6.93
N TYR A 267 -7.51 12.66 -7.59
CA TYR A 267 -6.40 11.96 -6.93
C TYR A 267 -5.08 12.57 -7.36
N THR A 268 -4.27 12.94 -6.39
CA THR A 268 -2.97 13.57 -6.63
C THR A 268 -1.99 13.02 -5.61
N VAL A 269 -0.72 13.43 -5.72
CA VAL A 269 0.21 13.12 -4.63
C VAL A 269 -0.32 13.71 -3.33
N GLN A 270 -0.97 14.88 -3.40
CA GLN A 270 -1.46 15.52 -2.18
C GLN A 270 -2.60 14.73 -1.55
N SER A 271 -3.42 14.04 -2.35
CA SER A 271 -4.42 13.18 -1.73
C SER A 271 -3.77 11.94 -1.11
N ASP A 272 -2.65 11.47 -1.67
CA ASP A 272 -1.88 10.43 -0.99
C ASP A 272 -1.34 10.92 0.35
N VAL A 273 -0.97 12.20 0.44
CA VAL A 273 -0.46 12.72 1.71
C VAL A 273 -1.56 12.70 2.78
N TRP A 274 -2.79 13.04 2.39
CA TRP A 274 -3.92 12.93 3.33
C TRP A 274 -4.04 11.52 3.87
N SER A 275 -4.03 10.54 2.96
CA SER A 275 -4.14 9.14 3.36
C SER A 275 -2.99 8.75 4.25
N TYR A 276 -1.79 9.28 3.97
CA TYR A 276 -0.65 8.99 4.83
C TYR A 276 -0.88 9.51 6.24
N GLY A 277 -1.55 10.65 6.37
CA GLY A 277 -1.90 11.13 7.71
C GLY A 277 -2.79 10.15 8.44
N ILE A 278 -3.74 9.53 7.73
CA ILE A 278 -4.58 8.51 8.35
C ILE A 278 -3.73 7.30 8.74
N LEU A 279 -2.79 6.92 7.88
CA LEU A 279 -1.85 5.84 8.21
C LEU A 279 -1.07 6.16 9.47
N LEU A 280 -0.59 7.40 9.61
CA LEU A 280 0.10 7.79 10.84
C LEU A 280 -0.79 7.57 12.06
N TRP A 281 -2.09 7.92 11.94
CA TRP A 281 -3.00 7.71 13.04
C TRP A 281 -3.14 6.22 13.35
N GLU A 282 -3.17 5.38 12.31
CA GLU A 282 -3.19 3.94 12.52
C GLU A 282 -1.95 3.49 13.29
N ILE A 283 -0.79 4.00 12.90
CA ILE A 283 0.45 3.53 13.53
C ILE A 283 0.47 3.92 14.99
N PHE A 284 0.16 5.20 15.29
CA PHE A 284 0.32 5.69 16.65
C PHE A 284 -0.89 5.42 17.52
N SER A 285 -1.88 4.69 17.01
CA SER A 285 -2.91 4.09 17.84
C SER A 285 -2.71 2.58 17.99
N LEU A 286 -1.61 2.05 17.42
CA LEU A 286 -1.36 0.61 17.35
C LEU A 286 -2.49 -0.13 16.67
N GLY A 287 -3.04 0.47 15.62
CA GLY A 287 -3.93 -0.25 14.74
C GLY A 287 -5.41 -0.14 15.04
N LEU A 288 -5.85 0.94 15.68
CA LEU A 288 -7.30 1.16 15.73
C LEU A 288 -7.82 1.46 14.33
N ASN A 289 -9.14 1.26 14.14
CA ASN A 289 -9.78 1.68 12.90
C ASN A 289 -9.97 3.19 12.92
N PRO A 290 -9.77 3.88 11.79
CA PRO A 290 -9.98 5.34 11.78
C PRO A 290 -11.43 5.69 12.03
N TYR A 291 -11.64 6.90 12.54
CA TYR A 291 -12.94 7.43 12.93
C TYR A 291 -13.74 6.34 13.66
N PRO A 292 -13.22 5.82 14.79
CA PRO A 292 -13.79 4.60 15.36
C PRO A 292 -15.24 4.77 15.74
N GLY A 293 -16.04 3.77 15.38
CA GLY A 293 -17.45 3.77 15.72
C GLY A 293 -18.33 4.66 14.87
N ILE A 294 -17.78 5.44 13.94
CA ILE A 294 -18.57 6.38 13.16
C ILE A 294 -19.02 5.74 11.86
N LEU A 295 -20.33 5.74 11.62
CA LEU A 295 -20.91 5.21 10.40
C LEU A 295 -20.59 6.13 9.22
N VAL A 296 -20.22 5.53 8.08
CA VAL A 296 -20.05 6.32 6.86
C VAL A 296 -21.42 6.64 6.27
N ASN A 297 -21.82 7.91 6.33
CA ASN A 297 -23.09 8.37 5.79
C ASN A 297 -22.92 9.82 5.35
N SER A 298 -24.04 10.43 4.91
CA SER A 298 -24.00 11.83 4.49
C SER A 298 -23.38 12.72 5.55
N LYS A 299 -23.75 12.51 6.81
CA LYS A 299 -23.19 13.31 7.88
C LYS A 299 -21.67 13.18 7.95
N PHE A 300 -21.16 11.95 7.83
CA PHE A 300 -19.71 11.75 7.86
C PHE A 300 -19.02 12.53 6.74
N TYR A 301 -19.55 12.42 5.53
CA TYR A 301 -18.92 13.12 4.41
C TYR A 301 -18.91 14.61 4.66
N LYS A 302 -20.02 15.16 5.18
CA LYS A 302 -20.10 16.58 5.45
C LYS A 302 -19.10 17.00 6.51
N LEU A 303 -18.97 16.20 7.58
CA LEU A 303 -18.03 16.53 8.66
C LEU A 303 -16.61 16.65 8.14
N VAL A 304 -16.17 15.65 7.36
CA VAL A 304 -14.81 15.70 6.81
C VAL A 304 -14.64 16.89 5.89
N LYS A 305 -15.62 17.15 5.02
CA LYS A 305 -15.52 18.31 4.14
C LYS A 305 -15.41 19.61 4.93
N ASP A 306 -16.01 19.65 6.12
CA ASP A 306 -16.07 20.85 6.93
C ASP A 306 -14.92 20.96 7.93
N GLY A 307 -14.01 19.99 7.97
CA GLY A 307 -12.80 20.10 8.76
C GLY A 307 -12.73 19.18 9.96
N TYR A 308 -13.68 18.27 10.15
CA TYR A 308 -13.60 17.37 11.29
C TYR A 308 -12.34 16.54 11.18
N GLN A 309 -11.62 16.38 12.29
CA GLN A 309 -10.40 15.58 12.33
C GLN A 309 -10.42 14.66 13.54
N MET A 310 -9.88 13.47 13.38
CA MET A 310 -9.68 12.59 14.52
C MET A 310 -8.84 13.26 15.60
N ALA A 311 -9.10 12.86 16.85
CA ALA A 311 -8.31 13.34 17.97
C ALA A 311 -6.96 12.64 18.04
N GLN A 312 -6.09 13.18 18.89
CA GLN A 312 -4.73 12.67 19.01
C GLN A 312 -4.73 11.21 19.47
N PRO A 313 -4.05 10.30 18.76
CA PRO A 313 -4.01 8.91 19.20
C PRO A 313 -3.17 8.76 20.46
N ALA A 314 -3.39 7.63 21.14
CA ALA A 314 -2.87 7.44 22.49
C ALA A 314 -1.36 7.54 22.56
N PHE A 315 -0.65 7.13 21.50
CA PHE A 315 0.80 7.01 21.57
C PHE A 315 1.52 8.00 20.67
N ALA A 316 0.81 8.99 20.13
CA ALA A 316 1.46 10.00 19.29
C ALA A 316 2.05 11.11 20.16
N PRO A 317 3.34 11.41 20.04
CA PRO A 317 3.84 12.69 20.57
C PRO A 317 3.10 13.86 19.92
N LYS A 318 3.06 14.98 20.64
CA LYS A 318 2.30 16.12 20.13
C LYS A 318 2.71 16.50 18.72
N ASN A 319 4.02 16.52 18.44
CA ASN A 319 4.43 16.99 17.13
C ASN A 319 4.14 15.97 16.02
N ILE A 320 3.96 14.70 16.36
CA ILE A 320 3.53 13.72 15.36
C ILE A 320 2.06 13.92 15.04
N TYR A 321 1.25 14.24 16.05
CA TYR A 321 -0.14 14.60 15.78
C TYR A 321 -0.20 15.88 14.93
N SER A 322 0.70 16.83 15.18
CA SER A 322 0.70 18.04 14.36
C SER A 322 0.99 17.73 12.89
N ILE A 323 1.86 16.74 12.62
CA ILE A 323 2.11 16.31 11.24
C ILE A 323 0.83 15.74 10.63
N MET A 324 0.14 14.87 11.38
CA MET A 324 -1.16 14.35 10.97
C MET A 324 -2.11 15.47 10.59
N GLN A 325 -2.25 16.46 11.48
CA GLN A 325 -3.16 17.56 11.19
C GLN A 325 -2.73 18.29 9.92
N ALA A 326 -1.43 18.44 9.72
CA ALA A 326 -0.94 19.11 8.52
C ALA A 326 -1.32 18.32 7.27
N CYS A 327 -1.24 16.98 7.34
CA CYS A 327 -1.67 16.16 6.22
C CYS A 327 -3.16 16.29 5.94
N TRP A 328 -3.94 16.73 6.91
CA TRP A 328 -5.38 16.84 6.74
C TRP A 328 -5.82 18.27 6.43
N ALA A 329 -4.91 19.11 5.95
CA ALA A 329 -5.33 20.43 5.48
C ALA A 329 -6.35 20.27 4.36
N LEU A 330 -7.39 21.12 4.40
CA LEU A 330 -8.42 21.00 3.38
C LEU A 330 -7.92 21.48 2.02
N GLU A 331 -7.00 22.45 2.02
CA GLU A 331 -6.36 22.90 0.78
C GLU A 331 -5.22 21.96 0.43
N PRO A 332 -5.32 21.19 -0.67
CA PRO A 332 -4.32 20.14 -0.91
C PRO A 332 -2.89 20.63 -1.02
N THR A 333 -2.66 21.78 -1.64
CA THR A 333 -1.28 22.23 -1.79
C THR A 333 -0.69 22.75 -0.48
N HIS A 334 -1.48 22.90 0.58
CA HIS A 334 -0.95 23.30 1.87
C HIS A 334 -0.41 22.13 2.67
N ARG A 335 -0.71 20.91 2.24
CA ARG A 335 -0.23 19.71 2.92
C ARG A 335 1.28 19.57 2.75
N PRO A 336 1.96 18.91 3.68
CA PRO A 336 3.39 18.65 3.52
C PRO A 336 3.67 17.79 2.29
N THR A 337 4.91 17.87 1.80
CA THR A 337 5.35 16.88 0.82
C THR A 337 5.86 15.64 1.53
N PHE A 338 5.97 14.53 0.80
CA PHE A 338 6.52 13.35 1.43
C PHE A 338 7.98 13.54 1.81
N GLN A 339 8.72 14.36 1.07
CA GLN A 339 10.11 14.60 1.46
C GLN A 339 10.18 15.40 2.76
N GLN A 340 9.27 16.36 2.95
CA GLN A 340 9.26 17.09 4.22
C GLN A 340 8.92 16.16 5.37
N ILE A 341 7.93 15.29 5.16
CA ILE A 341 7.57 14.31 6.18
C ILE A 341 8.75 13.40 6.48
N THR A 342 9.42 12.91 5.42
CA THR A 342 10.55 12.01 5.61
C THR A 342 11.63 12.66 6.48
N SER A 343 12.08 13.85 6.09
CA SER A 343 13.17 14.50 6.81
C SER A 343 12.79 14.77 8.26
N PHE A 344 11.55 15.20 8.50
CA PHE A 344 11.11 15.44 9.86
C PHE A 344 11.11 14.17 10.69
N LEU A 345 10.55 13.08 10.14
CA LEU A 345 10.45 11.86 10.93
C LEU A 345 11.82 11.20 11.12
N GLN A 346 12.70 11.31 10.14
CA GLN A 346 14.06 10.81 10.34
C GLN A 346 14.73 11.50 11.51
N GLU A 347 14.56 12.83 11.60
CA GLU A 347 15.10 13.58 12.73
C GLU A 347 14.52 13.10 14.05
N GLN A 348 13.18 12.93 14.11
CA GLN A 348 12.56 12.50 15.36
C GLN A 348 13.01 11.12 15.78
N ALA A 349 13.34 10.26 14.83
CA ALA A 349 13.76 8.90 15.15
C ALA A 349 15.21 8.90 15.61
#